data_5H72
#
_entry.id   5H72
#
_cell.length_a   114.880
_cell.length_b   114.880
_cell.length_c   193.781
_cell.angle_alpha   90.00
_cell.angle_beta   90.00
_cell.angle_gamma   120.00
#
_symmetry.space_group_name_H-M   'P 62 2 2'
#
loop_
_entity.id
_entity.type
_entity.pdbx_description
1 polymer 'Flagellar biosynthetic protein FliP'
2 water water
#
_entity_poly.entity_id   1
_entity_poly.type   'polypeptide(L)'
_entity_poly.pdbx_seq_one_letter_code
;GSHYNNAITPYLNKETGYQEMFQRVNTRIREFMINELKNHHNEDNVFMLAKNSGIEIAKIEEAPNAVLIPAFVLGELEVA
FK
;
_entity_poly.pdbx_strand_id   A,B,C,D,E,F,G,H
#
# COMPACT_ATOMS: atom_id res chain seq x y z
N THR A 16 14.32 -4.01 31.59
CA THR A 16 15.20 -4.50 30.55
C THR A 16 15.43 -6.00 30.69
N GLY A 17 14.82 -6.59 31.71
CA GLY A 17 14.79 -8.03 31.83
C GLY A 17 13.98 -8.59 30.67
N TYR A 18 13.07 -7.76 30.16
CA TYR A 18 12.29 -8.12 28.96
C TYR A 18 13.23 -8.41 27.80
N GLN A 19 14.34 -7.67 27.72
CA GLN A 19 15.23 -7.82 26.59
C GLN A 19 16.04 -9.12 26.61
N GLU A 20 16.48 -9.53 27.80
CA GLU A 20 17.15 -10.81 27.95
C GLU A 20 16.18 -11.94 27.64
N MET A 21 14.93 -11.73 28.04
CA MET A 21 13.88 -12.69 27.82
C MET A 21 13.58 -12.83 26.32
N PHE A 22 13.52 -11.71 25.62
CA PHE A 22 13.28 -11.75 24.18
C PHE A 22 14.51 -12.25 23.44
N GLN A 23 15.69 -12.05 24.03
CA GLN A 23 16.92 -12.60 23.50
C GLN A 23 16.92 -14.13 23.58
N ARG A 24 16.37 -14.66 24.66
CA ARG A 24 16.20 -16.09 24.78
C ARG A 24 15.25 -16.60 23.70
N VAL A 25 14.17 -15.88 23.47
CA VAL A 25 13.17 -16.29 22.49
C VAL A 25 13.72 -16.14 21.07
N ASN A 26 14.53 -15.11 20.84
CA ASN A 26 15.20 -14.93 19.55
C ASN A 26 16.14 -16.11 19.26
N THR A 27 16.93 -16.50 20.27
CA THR A 27 17.86 -17.60 20.12
C THR A 27 17.13 -18.90 19.81
N ARG A 28 16.05 -19.15 20.55
CA ARG A 28 15.25 -20.36 20.33
C ARG A 28 14.71 -20.41 18.91
N ILE A 29 14.19 -19.29 18.42
CA ILE A 29 13.60 -19.24 17.09
C ILE A 29 14.68 -19.39 16.01
N ARG A 30 15.83 -18.75 16.19
CA ARG A 30 16.96 -18.96 15.28
C ARG A 30 17.34 -20.42 15.21
N GLU A 31 17.44 -21.06 16.38
CA GLU A 31 17.84 -22.47 16.47
C GLU A 31 16.88 -23.41 15.74
N PHE A 32 15.56 -23.17 15.83
CA PHE A 32 14.66 -24.10 15.14
C PHE A 32 14.54 -23.75 13.66
N MET A 33 14.71 -22.49 13.29
CA MET A 33 14.77 -22.14 11.87
C MET A 33 15.98 -22.83 11.24
N ILE A 34 17.13 -22.68 11.89
CA ILE A 34 18.36 -23.31 11.42
C ILE A 34 18.21 -24.84 11.34
N ASN A 35 17.64 -25.44 12.37
CA ASN A 35 17.44 -26.90 12.38
C ASN A 35 16.54 -27.36 11.25
N GLU A 36 15.45 -26.63 11.00
CA GLU A 36 14.53 -26.95 9.92
C GLU A 36 15.23 -26.87 8.56
N LEU A 37 16.08 -25.85 8.42
CA LEU A 37 16.79 -25.64 7.16
C LEU A 37 17.81 -26.75 6.89
N LYS A 38 18.49 -27.20 7.95
CA LYS A 38 19.46 -28.27 7.80
C LYS A 38 18.77 -29.60 7.55
N ASN A 39 17.78 -29.91 8.37
CA ASN A 39 17.12 -31.21 8.29
C ASN A 39 16.40 -31.42 6.96
N HIS A 40 16.06 -30.34 6.28
CA HIS A 40 15.44 -30.45 4.96
C HIS A 40 16.40 -30.03 3.83
N HIS A 41 17.67 -29.84 4.17
CA HIS A 41 18.72 -29.60 3.19
C HIS A 41 18.42 -28.39 2.34
N ASN A 42 18.01 -27.31 3.01
CA ASN A 42 17.62 -26.09 2.35
C ASN A 42 18.59 -24.96 2.62
N GLU A 43 19.76 -25.28 3.16
CA GLU A 43 20.72 -24.24 3.55
C GLU A 43 21.03 -23.27 2.41
N ASP A 44 20.99 -23.75 1.18
CA ASP A 44 21.29 -22.93 0.02
C ASP A 44 20.45 -21.66 -0.01
N ASN A 45 19.20 -21.75 0.45
CA ASN A 45 18.34 -20.56 0.54
C ASN A 45 19.02 -19.44 1.29
N VAL A 46 19.67 -19.79 2.40
CA VAL A 46 20.36 -18.79 3.20
C VAL A 46 21.49 -18.15 2.42
N PHE A 47 22.37 -18.99 1.88
CA PHE A 47 23.50 -18.53 1.09
C PHE A 47 23.07 -17.73 -0.12
N MET A 48 22.03 -18.18 -0.82
CA MET A 48 21.53 -17.46 -1.98
C MET A 48 21.06 -16.07 -1.57
N LEU A 49 20.24 -15.99 -0.52
CA LEU A 49 19.71 -14.71 -0.07
C LEU A 49 20.82 -13.81 0.46
N ALA A 50 21.85 -14.42 1.03
CA ALA A 50 22.99 -13.69 1.57
C ALA A 50 23.80 -13.04 0.46
N LYS A 51 24.07 -13.83 -0.58
CA LYS A 51 24.85 -13.38 -1.72
C LYS A 51 24.20 -12.18 -2.38
N ASN A 52 22.89 -12.25 -2.61
CA ASN A 52 22.15 -11.16 -3.26
C ASN A 52 22.10 -9.87 -2.45
N SER A 53 22.36 -9.97 -1.15
CA SER A 53 22.26 -8.83 -0.25
C SER A 53 23.63 -8.30 0.15
N GLY A 54 24.68 -8.77 -0.52
CA GLY A 54 26.03 -8.33 -0.20
C GLY A 54 26.48 -8.70 1.20
N ILE A 55 25.92 -9.78 1.72
CA ILE A 55 26.31 -10.31 3.03
C ILE A 55 27.24 -11.51 2.85
N GLU A 56 28.39 -11.48 3.51
CA GLU A 56 29.39 -12.54 3.35
C GLU A 56 29.45 -13.46 4.55
N ILE A 57 28.93 -14.69 4.38
CA ILE A 57 28.89 -15.66 5.47
C ILE A 57 29.52 -16.99 5.06
N ALA A 58 30.05 -17.72 6.04
CA ALA A 58 30.62 -19.05 5.79
C ALA A 58 29.66 -20.17 6.17
N LYS A 59 28.79 -19.91 7.15
CA LYS A 59 27.79 -20.88 7.58
C LYS A 59 26.47 -20.21 7.96
N ILE A 60 25.37 -20.95 7.92
CA ILE A 60 24.06 -20.31 8.05
C ILE A 60 23.83 -19.73 9.44
N GLU A 61 24.59 -20.20 10.43
CA GLU A 61 24.45 -19.63 11.76
C GLU A 61 24.92 -18.20 11.83
N GLU A 62 25.60 -17.72 10.78
CA GLU A 62 26.07 -16.34 10.76
C GLU A 62 25.11 -15.41 9.99
N ALA A 63 24.08 -15.97 9.39
CA ALA A 63 23.11 -15.14 8.69
C ALA A 63 22.24 -14.37 9.68
N PRO A 64 22.10 -13.06 9.47
CA PRO A 64 21.19 -12.25 10.28
C PRO A 64 19.73 -12.64 10.02
N ASN A 65 18.83 -12.25 10.91
CA ASN A 65 17.45 -12.65 10.77
C ASN A 65 16.81 -12.15 9.47
N ALA A 66 17.29 -11.02 8.95
CA ALA A 66 16.76 -10.48 7.69
C ALA A 66 17.00 -11.42 6.53
N VAL A 67 17.97 -12.31 6.68
CA VAL A 67 18.27 -13.33 5.68
C VAL A 67 17.70 -14.67 6.12
N LEU A 68 17.93 -15.00 7.39
CA LEU A 68 17.56 -16.32 7.91
C LEU A 68 16.06 -16.57 7.84
N ILE A 69 15.26 -15.59 8.26
CA ILE A 69 13.82 -15.77 8.31
C ILE A 69 13.21 -15.97 6.91
N PRO A 70 13.56 -15.12 5.92
CA PRO A 70 13.01 -15.39 4.58
C PRO A 70 13.46 -16.74 4.00
N ALA A 71 14.71 -17.14 4.25
CA ALA A 71 15.20 -18.44 3.77
C ALA A 71 14.41 -19.56 4.40
N PHE A 72 14.11 -19.40 5.69
CA PHE A 72 13.35 -20.39 6.45
C PHE A 72 11.96 -20.58 5.85
N VAL A 73 11.27 -19.46 5.63
CA VAL A 73 9.93 -19.47 5.04
C VAL A 73 9.93 -20.08 3.65
N LEU A 74 10.88 -19.67 2.82
CA LEU A 74 11.04 -20.29 1.50
C LEU A 74 11.20 -21.78 1.66
N GLY A 75 12.09 -22.19 2.56
CA GLY A 75 12.30 -23.59 2.87
C GLY A 75 11.04 -24.35 3.25
N GLU A 76 10.21 -23.75 4.09
CA GLU A 76 8.98 -24.43 4.55
C GLU A 76 7.99 -24.61 3.41
N LEU A 77 7.89 -23.60 2.55
CA LEU A 77 6.96 -23.68 1.43
C LEU A 77 7.41 -24.74 0.44
N GLU A 78 8.71 -24.78 0.15
CA GLU A 78 9.27 -25.82 -0.72
C GLU A 78 8.94 -27.23 -0.23
N VAL A 79 9.10 -27.45 1.08
CA VAL A 79 8.75 -28.75 1.64
C VAL A 79 7.24 -28.95 1.65
N ALA A 80 6.49 -27.89 1.94
CA ALA A 80 5.02 -27.99 2.04
C ALA A 80 4.37 -28.43 0.71
N PHE A 81 4.86 -27.86 -0.39
CA PHE A 81 4.34 -28.15 -1.71
C PHE A 81 5.22 -29.17 -2.43
N LYS A 82 5.62 -30.18 -1.66
CA LYS A 82 6.50 -31.27 -2.07
C LYS A 82 7.94 -30.78 -2.11
N THR B 16 15.80 -12.40 -6.12
CA THR B 16 15.64 -11.03 -6.61
C THR B 16 14.17 -10.65 -6.67
N GLY B 17 13.33 -11.58 -7.13
CA GLY B 17 11.89 -11.40 -7.05
C GLY B 17 11.51 -11.61 -5.59
N TYR B 18 12.31 -12.42 -4.92
CA TYR B 18 12.15 -12.70 -3.50
C TYR B 18 12.40 -11.47 -2.65
N GLN B 19 13.44 -10.71 -3.01
CA GLN B 19 13.80 -9.53 -2.25
C GLN B 19 12.69 -8.49 -2.33
N GLU B 20 11.89 -8.59 -3.38
CA GLU B 20 10.78 -7.67 -3.57
C GLU B 20 9.54 -8.13 -2.81
N MET B 21 9.19 -9.41 -3.00
CA MET B 21 8.05 -10.00 -2.34
C MET B 21 8.18 -9.95 -0.83
N PHE B 22 9.36 -10.26 -0.30
CA PHE B 22 9.53 -10.26 1.13
C PHE B 22 9.57 -8.84 1.69
N GLN B 23 9.89 -7.88 0.86
CA GLN B 23 9.88 -6.48 1.26
C GLN B 23 8.44 -6.01 1.49
N ARG B 24 7.55 -6.43 0.62
CA ARG B 24 6.15 -6.07 0.73
C ARG B 24 5.48 -6.79 1.90
N VAL B 25 5.87 -8.04 2.14
CA VAL B 25 5.38 -8.77 3.31
C VAL B 25 5.82 -8.03 4.57
N ASN B 26 7.10 -7.71 4.62
CA ASN B 26 7.69 -6.97 5.73
C ASN B 26 6.95 -5.66 5.99
N THR B 27 6.62 -4.93 4.93
CA THR B 27 5.94 -3.65 5.06
C THR B 27 4.55 -3.82 5.62
N ARG B 28 3.81 -4.78 5.06
CA ARG B 28 2.48 -5.11 5.55
C ARG B 28 2.49 -5.46 7.04
N ILE B 29 3.47 -6.25 7.47
CA ILE B 29 3.55 -6.69 8.85
C ILE B 29 3.90 -5.55 9.80
N ARG B 30 4.85 -4.71 9.39
CA ARG B 30 5.18 -3.52 10.17
C ARG B 30 3.97 -2.60 10.31
N GLU B 31 3.19 -2.47 9.24
CA GLU B 31 2.03 -1.59 9.25
C GLU B 31 0.95 -2.08 10.20
N PHE B 32 0.64 -3.38 10.21
CA PHE B 32 -0.42 -3.79 11.11
C PHE B 32 0.08 -3.87 12.55
N MET B 33 1.40 -4.01 12.74
CA MET B 33 1.91 -3.95 14.12
C MET B 33 1.84 -2.51 14.66
N ILE B 34 2.26 -1.57 13.85
CA ILE B 34 2.19 -0.16 14.20
C ILE B 34 0.74 0.27 14.46
N ASN B 35 -0.17 -0.19 13.62
CA ASN B 35 -1.60 0.07 13.80
C ASN B 35 -2.14 -0.50 15.12
N GLU B 36 -1.71 -1.72 15.47
CA GLU B 36 -2.12 -2.33 16.73
C GLU B 36 -1.58 -1.57 17.94
N LEU B 37 -0.34 -1.13 17.85
CA LEU B 37 0.28 -0.41 18.96
C LEU B 37 -0.40 0.93 19.20
N LYS B 38 -0.85 1.57 18.13
CA LYS B 38 -1.50 2.88 18.23
C LYS B 38 -2.93 2.73 18.72
N ASN B 39 -3.67 1.81 18.13
CA ASN B 39 -5.07 1.60 18.49
C ASN B 39 -5.26 1.18 19.96
N HIS B 40 -4.22 0.63 20.57
CA HIS B 40 -4.30 0.21 21.96
C HIS B 40 -3.35 1.05 22.82
N HIS B 41 -2.87 2.14 22.22
CA HIS B 41 -2.08 3.15 22.91
C HIS B 41 -0.89 2.54 23.64
N ASN B 42 -0.22 1.62 22.96
CA ASN B 42 0.95 0.95 23.53
C ASN B 42 2.27 1.43 22.92
N GLU B 43 2.29 2.63 22.36
CA GLU B 43 3.50 3.15 21.72
C GLU B 43 4.67 3.23 22.68
N ASP B 44 4.40 3.50 23.94
CA ASP B 44 5.44 3.59 24.96
C ASP B 44 6.28 2.31 25.08
N ASN B 45 5.68 1.16 24.75
CA ASN B 45 6.42 -0.10 24.66
C ASN B 45 7.59 0.01 23.69
N VAL B 46 7.37 0.72 22.59
CA VAL B 46 8.39 0.85 21.55
C VAL B 46 9.53 1.76 22.02
N PHE B 47 9.17 2.91 22.58
CA PHE B 47 10.16 3.86 23.09
C PHE B 47 10.98 3.24 24.22
N MET B 48 10.31 2.59 25.15
CA MET B 48 10.95 1.93 26.28
C MET B 48 12.04 0.95 25.84
N LEU B 49 11.69 0.05 24.92
CA LEU B 49 12.63 -0.95 24.42
C LEU B 49 13.72 -0.34 23.54
N ALA B 50 13.38 0.72 22.82
CA ALA B 50 14.34 1.36 21.92
C ALA B 50 15.38 2.12 22.72
N LYS B 51 14.94 2.87 23.72
CA LYS B 51 15.83 3.60 24.61
C LYS B 51 16.81 2.63 25.29
N ASN B 52 16.31 1.44 25.60
CA ASN B 52 17.12 0.43 26.27
C ASN B 52 17.95 -0.39 25.28
N SER B 53 18.18 0.15 24.09
CA SER B 53 18.99 -0.51 23.10
C SER B 53 19.90 0.49 22.38
N GLY B 54 19.84 1.74 22.83
CA GLY B 54 20.68 2.79 22.29
C GLY B 54 20.20 3.31 20.96
N ILE B 55 18.92 3.12 20.68
CA ILE B 55 18.33 3.60 19.43
C ILE B 55 17.51 4.86 19.70
N GLU B 56 17.49 5.77 18.75
CA GLU B 56 16.81 7.05 18.93
C GLU B 56 15.75 7.26 17.85
N ILE B 57 14.48 7.24 18.26
CA ILE B 57 13.40 7.44 17.31
C ILE B 57 12.47 8.55 17.78
N ALA B 58 11.83 9.22 16.82
CA ALA B 58 10.79 10.18 17.13
C ALA B 58 9.44 9.51 16.98
N LYS B 59 9.28 8.80 15.87
CA LYS B 59 8.07 8.04 15.59
C LYS B 59 8.33 6.55 15.82
N ILE B 60 7.28 5.78 16.12
CA ILE B 60 7.45 4.35 16.26
C ILE B 60 7.68 3.75 14.88
N GLU B 61 7.27 4.49 13.86
CA GLU B 61 7.51 4.12 12.46
C GLU B 61 8.99 4.01 12.11
N GLU B 62 9.86 4.57 12.95
CA GLU B 62 11.29 4.55 12.71
C GLU B 62 11.96 3.40 13.45
N ALA B 63 11.17 2.66 14.22
CA ALA B 63 11.68 1.53 14.99
C ALA B 63 12.04 0.38 14.08
N PRO B 64 13.23 -0.18 14.27
CA PRO B 64 13.56 -1.37 13.47
C PRO B 64 12.81 -2.57 14.02
N ASN B 65 12.70 -3.63 13.23
CA ASN B 65 11.95 -4.82 13.62
C ASN B 65 12.35 -5.39 14.96
N ALA B 66 13.61 -5.20 15.33
CA ALA B 66 14.12 -5.80 16.55
C ALA B 66 13.55 -5.14 17.81
N VAL B 67 12.95 -3.97 17.68
CA VAL B 67 12.26 -3.36 18.82
C VAL B 67 10.76 -3.29 18.56
N LEU B 68 10.38 -3.13 17.30
CA LEU B 68 8.97 -3.07 16.94
C LEU B 68 8.27 -4.40 17.25
N ILE B 69 8.90 -5.51 16.89
CA ILE B 69 8.24 -6.80 17.01
C ILE B 69 8.02 -7.19 18.47
N PRO B 70 9.07 -7.15 19.32
CA PRO B 70 8.74 -7.49 20.71
C PRO B 70 7.80 -6.47 21.39
N ALA B 71 7.88 -5.20 21.02
CA ALA B 71 6.93 -4.22 21.57
C ALA B 71 5.49 -4.57 21.19
N PHE B 72 5.28 -5.00 19.95
CA PHE B 72 3.97 -5.43 19.48
C PHE B 72 3.48 -6.64 20.29
N VAL B 73 4.37 -7.60 20.53
CA VAL B 73 4.00 -8.80 21.26
C VAL B 73 3.62 -8.49 22.72
N LEU B 74 4.43 -7.68 23.39
CA LEU B 74 4.09 -7.21 24.74
C LEU B 74 2.72 -6.52 24.76
N GLY B 75 2.49 -5.68 23.77
CA GLY B 75 1.24 -4.97 23.61
C GLY B 75 0.04 -5.90 23.51
N GLU B 76 0.11 -6.89 22.63
CA GLU B 76 -0.96 -7.87 22.52
C GLU B 76 -1.20 -8.63 23.81
N LEU B 77 -0.12 -9.00 24.50
CA LEU B 77 -0.25 -9.72 25.76
C LEU B 77 -0.94 -8.86 26.84
N GLU B 78 -0.52 -7.61 26.96
CA GLU B 78 -1.15 -6.66 27.86
C GLU B 78 -2.64 -6.49 27.57
N VAL B 79 -3.00 -6.35 26.30
CA VAL B 79 -4.42 -6.23 25.97
C VAL B 79 -5.10 -7.57 26.24
N ALA B 80 -4.46 -8.67 25.89
CA ALA B 80 -5.07 -10.00 26.03
C ALA B 80 -5.38 -10.33 27.49
N PHE B 81 -4.47 -9.97 28.39
CA PHE B 81 -4.59 -10.34 29.79
C PHE B 81 -5.08 -9.19 30.67
N LYS B 82 -5.71 -8.20 30.06
CA LYS B 82 -6.20 -7.05 30.81
C LYS B 82 -7.61 -7.27 31.32
N THR C 16 -11.37 -23.51 -3.51
CA THR C 16 -11.02 -24.93 -3.67
C THR C 16 -9.51 -25.11 -3.68
N GLY C 17 -8.85 -24.49 -4.67
CA GLY C 17 -7.40 -24.49 -4.73
C GLY C 17 -6.82 -23.88 -3.47
N TYR C 18 -7.47 -22.85 -2.96
CA TYR C 18 -7.11 -22.26 -1.68
C TYR C 18 -7.24 -23.28 -0.57
N GLN C 19 -8.30 -24.08 -0.61
CA GLN C 19 -8.52 -25.10 0.41
C GLN C 19 -7.43 -26.17 0.35
N GLU C 20 -6.85 -26.34 -0.83
CA GLU C 20 -5.82 -27.36 -1.02
C GLU C 20 -4.45 -26.83 -0.61
N MET C 21 -4.16 -25.60 -1.02
CA MET C 21 -2.90 -24.97 -0.70
C MET C 21 -2.76 -24.79 0.81
N PHE C 22 -3.85 -24.36 1.45
CA PHE C 22 -3.84 -24.13 2.89
C PHE C 22 -3.77 -25.46 3.64
N GLN C 23 -4.29 -26.51 3.03
CA GLN C 23 -4.21 -27.84 3.62
C GLN C 23 -2.75 -28.31 3.73
N ARG C 24 -1.97 -28.03 2.70
CA ARG C 24 -0.57 -28.43 2.68
C ARG C 24 0.27 -27.52 3.59
N VAL C 25 -0.10 -26.24 3.67
CA VAL C 25 0.56 -25.33 4.60
C VAL C 25 0.32 -25.81 6.03
N ASN C 26 -0.94 -26.07 6.35
CA ASN C 26 -1.36 -26.61 7.63
C ASN C 26 -0.63 -27.90 7.98
N THR C 27 -0.55 -28.81 7.02
CA THR C 27 0.13 -30.08 7.23
C THR C 27 1.60 -29.87 7.57
N ARG C 28 2.24 -28.96 6.84
CA ARG C 28 3.64 -28.64 7.10
C ARG C 28 3.84 -28.09 8.52
N ILE C 29 2.95 -27.19 8.93
CA ILE C 29 3.06 -26.59 10.26
C ILE C 29 2.86 -27.67 11.33
N ARG C 30 1.89 -28.54 11.12
CA ARG C 30 1.66 -29.63 12.08
C ARG C 30 2.87 -30.53 12.21
N GLU C 31 3.49 -30.88 11.09
CA GLU C 31 4.66 -31.75 11.10
C GLU C 31 5.85 -31.12 11.82
N PHE C 32 6.08 -29.83 11.64
CA PHE C 32 7.27 -29.27 12.26
C PHE C 32 6.97 -29.03 13.75
N MET C 33 5.71 -28.84 14.11
CA MET C 33 5.36 -28.71 15.52
C MET C 33 5.54 -30.04 16.25
N ILE C 34 5.01 -31.10 15.63
CA ILE C 34 5.20 -32.46 16.12
C ILE C 34 6.70 -32.84 16.21
N ASN C 35 7.49 -32.43 15.23
CA ASN C 35 8.92 -32.70 15.24
C ASN C 35 9.64 -32.01 16.39
N GLU C 36 9.26 -30.76 16.66
CA GLU C 36 9.85 -29.99 17.76
C GLU C 36 9.47 -30.57 19.12
N LEU C 37 8.22 -31.00 19.25
CA LEU C 37 7.76 -31.54 20.52
C LEU C 37 8.49 -32.86 20.83
N LYS C 38 8.71 -33.68 19.82
CA LYS C 38 9.43 -34.95 20.00
C LYS C 38 10.90 -34.74 20.28
N ASN C 39 11.57 -34.00 19.40
CA ASN C 39 13.01 -33.77 19.52
C ASN C 39 13.40 -33.18 20.87
N HIS C 40 12.49 -32.42 21.49
CA HIS C 40 12.75 -31.84 22.79
C HIS C 40 11.96 -32.54 23.90
N HIS C 41 11.37 -33.68 23.55
CA HIS C 41 10.72 -34.56 24.52
C HIS C 41 9.66 -33.86 25.33
N ASN C 42 8.84 -33.05 24.66
CA ASN C 42 7.79 -32.29 25.31
C ASN C 42 6.40 -32.81 24.98
N GLU C 43 6.30 -34.08 24.58
CA GLU C 43 5.03 -34.67 24.14
C GLU C 43 3.98 -34.63 25.24
N ASP C 44 4.42 -34.58 26.49
CA ASP C 44 3.50 -34.52 27.62
C ASP C 44 2.64 -33.26 27.64
N ASN C 45 3.14 -32.16 27.10
CA ASN C 45 2.35 -30.95 26.95
C ASN C 45 1.06 -31.21 26.18
N VAL C 46 1.18 -31.94 25.08
CA VAL C 46 0.01 -32.32 24.28
C VAL C 46 -1.00 -33.09 25.12
N PHE C 47 -0.53 -34.11 25.84
CA PHE C 47 -1.40 -34.97 26.63
C PHE C 47 -2.01 -34.22 27.81
N MET C 48 -1.17 -33.46 28.50
CA MET C 48 -1.63 -32.61 29.59
C MET C 48 -2.78 -31.72 29.13
N LEU C 49 -2.57 -31.03 28.01
CA LEU C 49 -3.60 -30.13 27.48
C LEU C 49 -4.81 -30.90 26.94
N ALA C 50 -4.58 -32.08 26.39
CA ALA C 50 -5.67 -32.88 25.87
C ALA C 50 -6.53 -33.41 27.01
N LYS C 51 -5.88 -33.82 28.10
CA LYS C 51 -6.55 -34.37 29.27
C LYS C 51 -7.49 -33.34 29.90
N ASN C 52 -7.13 -32.07 29.76
CA ASN C 52 -7.94 -30.98 30.29
C ASN C 52 -8.82 -30.34 29.23
N SER C 53 -9.30 -31.14 28.30
CA SER C 53 -10.20 -30.62 27.26
C SER C 53 -11.22 -31.67 26.86
N GLY C 54 -10.86 -32.94 27.01
CA GLY C 54 -11.78 -34.02 26.74
C GLY C 54 -11.41 -34.84 25.52
N ILE C 55 -10.34 -34.42 24.84
CA ILE C 55 -9.86 -35.13 23.67
C ILE C 55 -9.18 -36.43 24.06
N GLU C 56 -9.43 -37.49 23.30
CA GLU C 56 -8.83 -38.79 23.55
C GLU C 56 -7.85 -39.13 22.43
N ILE C 57 -6.57 -39.22 22.77
CA ILE C 57 -5.53 -39.45 21.77
C ILE C 57 -4.56 -40.55 22.19
N ALA C 58 -4.08 -41.31 21.21
CA ALA C 58 -3.04 -42.31 21.47
C ALA C 58 -1.68 -41.72 21.14
N LYS C 59 -1.60 -41.08 19.98
CA LYS C 59 -0.39 -40.42 19.52
C LYS C 59 -0.59 -38.92 19.52
N ILE C 60 0.49 -38.14 19.55
CA ILE C 60 0.34 -36.69 19.53
C ILE C 60 -0.02 -36.24 18.12
N GLU C 61 0.18 -37.14 17.15
CA GLU C 61 -0.25 -36.92 15.78
C GLU C 61 -1.77 -36.83 15.65
N GLU C 62 -2.48 -37.31 16.66
CA GLU C 62 -3.94 -37.36 16.62
C GLU C 62 -4.53 -36.14 17.30
N ALA C 63 -3.65 -35.26 17.79
CA ALA C 63 -4.06 -34.04 18.46
C ALA C 63 -4.48 -32.98 17.45
N PRO C 64 -5.64 -32.36 17.69
CA PRO C 64 -6.09 -31.23 16.88
C PRO C 64 -5.31 -29.96 17.18
N ASN C 65 -5.37 -29.01 16.25
CA ASN C 65 -4.60 -27.78 16.34
C ASN C 65 -4.85 -26.99 17.61
N ALA C 66 -6.05 -27.12 18.17
CA ALA C 66 -6.37 -26.38 19.38
C ALA C 66 -5.58 -26.92 20.55
N VAL C 67 -5.15 -28.18 20.46
CA VAL C 67 -4.33 -28.82 21.48
C VAL C 67 -2.85 -28.74 21.10
N LEU C 68 -2.55 -29.07 19.85
CA LEU C 68 -1.17 -29.13 19.36
C LEU C 68 -0.43 -27.79 19.42
N ILE C 69 -1.10 -26.72 19.00
CA ILE C 69 -0.43 -25.42 18.89
C ILE C 69 -0.06 -24.85 20.26
N PRO C 70 -0.98 -24.85 21.24
CA PRO C 70 -0.58 -24.43 22.59
C PRO C 70 0.55 -25.28 23.21
N ALA C 71 0.47 -26.59 23.00
CA ALA C 71 1.51 -27.51 23.44
C ALA C 71 2.88 -27.12 22.89
N PHE C 72 2.92 -26.82 21.60
CA PHE C 72 4.16 -26.47 20.91
C PHE C 72 4.77 -25.19 21.47
N VAL C 73 3.94 -24.18 21.67
CA VAL C 73 4.39 -22.88 22.15
C VAL C 73 4.95 -22.98 23.57
N LEU C 74 4.25 -23.71 24.43
CA LEU C 74 4.76 -24.00 25.77
C LEU C 74 6.10 -24.70 25.70
N GLY C 75 6.21 -25.67 24.78
CA GLY C 75 7.43 -26.41 24.57
C GLY C 75 8.59 -25.51 24.21
N GLU C 76 8.38 -24.65 23.21
CA GLU C 76 9.42 -23.70 22.81
C GLU C 76 9.83 -22.79 23.95
N LEU C 77 8.87 -22.39 24.79
CA LEU C 77 9.17 -21.51 25.91
C LEU C 77 10.03 -22.22 26.95
N GLU C 78 9.66 -23.45 27.28
CA GLU C 78 10.42 -24.27 28.21
C GLU C 78 11.85 -24.52 27.71
N VAL C 79 12.03 -24.76 26.42
CA VAL C 79 13.38 -24.90 25.89
C VAL C 79 14.11 -23.56 25.93
N ALA C 80 13.42 -22.50 25.52
CA ALA C 80 14.05 -21.18 25.43
C ALA C 80 14.56 -20.69 26.78
N PHE C 81 13.87 -21.07 27.86
CA PHE C 81 14.18 -20.53 29.17
C PHE C 81 14.85 -21.55 30.10
N LYS C 82 15.42 -22.61 29.52
CA LYS C 82 16.14 -23.59 30.32
C LYS C 82 17.56 -23.13 30.64
N THR D 16 -4.71 -26.21 34.03
CA THR D 16 -5.94 -25.71 33.40
C THR D 16 -5.88 -24.20 33.31
N GLY D 17 -4.95 -23.62 34.07
CA GLY D 17 -4.72 -22.19 34.00
C GLY D 17 -4.09 -21.85 32.66
N TYR D 18 -3.31 -22.78 32.13
CA TYR D 18 -2.72 -22.61 30.82
C TYR D 18 -3.80 -22.53 29.76
N GLN D 19 -4.85 -23.32 29.94
CA GLN D 19 -5.97 -23.33 29.01
C GLN D 19 -6.61 -21.94 28.94
N GLU D 20 -6.94 -21.39 30.10
CA GLU D 20 -7.63 -20.10 30.17
C GLU D 20 -6.72 -18.96 29.71
N MET D 21 -5.43 -19.14 29.89
CA MET D 21 -4.45 -18.20 29.34
C MET D 21 -4.46 -18.23 27.81
N PHE D 22 -4.47 -19.42 27.24
CA PHE D 22 -4.51 -19.57 25.79
C PHE D 22 -5.89 -19.23 25.24
N GLN D 23 -6.91 -19.32 26.10
CA GLN D 23 -8.25 -18.90 25.74
C GLN D 23 -8.29 -17.38 25.54
N ARG D 24 -7.52 -16.69 26.36
CA ARG D 24 -7.46 -15.25 26.25
C ARG D 24 -6.55 -14.82 25.11
N VAL D 25 -5.54 -15.63 24.79
CA VAL D 25 -4.69 -15.35 23.63
C VAL D 25 -5.46 -15.60 22.31
N ASN D 26 -6.21 -16.70 22.25
CA ASN D 26 -7.09 -16.99 21.11
C ASN D 26 -8.06 -15.84 20.83
N THR D 27 -8.66 -15.30 21.89
CA THR D 27 -9.62 -14.21 21.75
C THR D 27 -8.96 -12.96 21.18
N ARG D 28 -7.80 -12.61 21.70
CA ARG D 28 -7.04 -11.45 21.24
C ARG D 28 -6.70 -11.57 19.75
N ILE D 29 -6.24 -12.75 19.34
CA ILE D 29 -5.85 -13.01 17.96
C ILE D 29 -7.06 -12.93 17.03
N ARG D 30 -8.19 -13.49 17.47
CA ARG D 30 -9.41 -13.42 16.68
C ARG D 30 -9.83 -11.98 16.50
N GLU D 31 -9.70 -11.19 17.56
CA GLU D 31 -10.08 -9.78 17.50
C GLU D 31 -9.24 -9.01 16.51
N PHE D 32 -7.93 -9.21 16.48
CA PHE D 32 -7.17 -8.38 15.54
C PHE D 32 -7.26 -8.92 14.10
N MET D 33 -7.52 -10.22 13.94
CA MET D 33 -7.78 -10.76 12.60
C MET D 33 -9.07 -10.17 12.04
N ILE D 34 -10.11 -10.18 12.85
CA ILE D 34 -11.40 -9.63 12.47
C ILE D 34 -11.30 -8.14 12.18
N ASN D 35 -10.60 -7.43 13.07
CA ASN D 35 -10.36 -6.01 12.87
C ASN D 35 -9.65 -5.72 11.55
N GLU D 36 -8.59 -6.49 11.26
CA GLU D 36 -7.84 -6.34 10.01
C GLU D 36 -8.71 -6.61 8.79
N LEU D 37 -9.60 -7.61 8.91
CA LEU D 37 -10.45 -7.98 7.81
C LEU D 37 -11.50 -6.89 7.47
N LYS D 38 -12.03 -6.23 8.50
CA LYS D 38 -13.02 -5.17 8.29
C LYS D 38 -12.34 -3.94 7.75
N ASN D 39 -11.24 -3.56 8.38
CA ASN D 39 -10.55 -2.32 8.04
C ASN D 39 -10.01 -2.28 6.61
N HIS D 40 -9.79 -3.45 6.02
CA HIS D 40 -9.37 -3.53 4.63
C HIS D 40 -10.48 -4.14 3.77
N HIS D 41 -11.67 -4.23 4.34
CA HIS D 41 -12.86 -4.65 3.60
C HIS D 41 -12.66 -5.99 2.91
N ASN D 42 -12.12 -6.94 3.66
CA ASN D 42 -11.85 -8.27 3.14
C ASN D 42 -12.77 -9.33 3.72
N GLU D 43 -13.88 -8.91 4.31
CA GLU D 43 -14.82 -9.86 4.93
C GLU D 43 -15.30 -10.94 3.97
N ASP D 44 -15.34 -10.62 2.68
CA ASP D 44 -15.78 -11.59 1.67
C ASP D 44 -14.94 -12.85 1.70
N ASN D 45 -13.65 -12.71 1.99
CA ASN D 45 -12.77 -13.85 2.19
C ASN D 45 -13.36 -14.87 3.15
N VAL D 46 -13.85 -14.41 4.29
CA VAL D 46 -14.43 -15.31 5.27
C VAL D 46 -15.64 -16.05 4.73
N PHE D 47 -16.65 -15.30 4.27
CA PHE D 47 -17.86 -15.88 3.69
C PHE D 47 -17.58 -16.84 2.55
N MET D 48 -16.74 -16.42 1.62
CA MET D 48 -16.35 -17.29 0.52
C MET D 48 -15.80 -18.62 1.04
N LEU D 49 -14.90 -18.57 2.02
CA LEU D 49 -14.30 -19.78 2.57
C LEU D 49 -15.31 -20.57 3.40
N ALA D 50 -16.20 -19.85 4.08
CA ALA D 50 -17.23 -20.49 4.87
C ALA D 50 -18.20 -21.29 3.99
N LYS D 51 -18.60 -20.68 2.87
CA LYS D 51 -19.53 -21.33 1.97
C LYS D 51 -18.91 -22.58 1.33
N ASN D 52 -17.66 -22.48 0.89
CA ASN D 52 -16.97 -23.63 0.27
C ASN D 52 -16.77 -24.82 1.22
N SER D 53 -16.94 -24.60 2.51
CA SER D 53 -16.69 -25.66 3.49
C SER D 53 -17.97 -26.10 4.20
N GLY D 54 -19.11 -25.62 3.70
CA GLY D 54 -20.40 -26.00 4.26
C GLY D 54 -20.69 -25.40 5.63
N ILE D 55 -20.15 -24.22 5.86
CA ILE D 55 -20.36 -23.55 7.13
C ILE D 55 -21.32 -22.36 6.91
N GLU D 56 -22.29 -22.24 7.81
CA GLU D 56 -23.34 -21.23 7.66
C GLU D 56 -23.21 -20.13 8.70
N ILE D 57 -22.76 -18.95 8.27
CA ILE D 57 -22.55 -17.82 9.17
C ILE D 57 -23.22 -16.56 8.64
N ALA D 58 -23.68 -15.69 9.54
CA ALA D 58 -24.27 -14.41 9.17
C ALA D 58 -23.28 -13.25 9.29
N LYS D 59 -22.23 -13.46 10.09
CA LYS D 59 -21.18 -12.45 10.25
C LYS D 59 -19.85 -13.11 10.58
N ILE D 60 -18.76 -12.41 10.30
CA ILE D 60 -17.44 -13.04 10.29
C ILE D 60 -16.99 -13.47 11.69
N GLU D 61 -17.52 -12.83 12.73
CA GLU D 61 -17.23 -13.24 14.11
C GLU D 61 -17.68 -14.66 14.42
N GLU D 62 -18.56 -15.20 13.60
CA GLU D 62 -19.06 -16.55 13.86
C GLU D 62 -18.17 -17.57 13.17
N ALA D 63 -17.26 -17.11 12.32
CA ALA D 63 -16.37 -18.01 11.63
C ALA D 63 -15.37 -18.67 12.58
N PRO D 64 -15.26 -20.00 12.53
CA PRO D 64 -14.26 -20.69 13.34
C PRO D 64 -12.87 -20.42 12.79
N ASN D 65 -11.84 -20.63 13.61
CA ASN D 65 -10.48 -20.34 13.21
C ASN D 65 -10.07 -21.03 11.91
N ALA D 66 -10.64 -22.20 11.63
CA ALA D 66 -10.25 -22.94 10.42
C ALA D 66 -10.61 -22.19 9.14
N VAL D 67 -11.60 -21.30 9.17
CA VAL D 67 -11.84 -20.43 8.02
C VAL D 67 -11.39 -18.99 8.30
N LEU D 68 -11.46 -18.56 9.55
CA LEU D 68 -11.06 -17.19 9.88
C LEU D 68 -9.57 -16.95 9.61
N ILE D 69 -8.73 -17.90 9.99
CA ILE D 69 -7.30 -17.72 9.88
C ILE D 69 -6.81 -17.69 8.41
N PRO D 70 -7.24 -18.65 7.56
CA PRO D 70 -6.88 -18.53 6.14
C PRO D 70 -7.41 -17.25 5.49
N ALA D 71 -8.63 -16.85 5.83
CA ALA D 71 -9.20 -15.63 5.28
C ALA D 71 -8.35 -14.42 5.64
N PHE D 72 -7.89 -14.39 6.88
CA PHE D 72 -7.07 -13.28 7.37
C PHE D 72 -5.77 -13.25 6.60
N VAL D 73 -5.21 -14.42 6.32
CA VAL D 73 -3.92 -14.53 5.62
C VAL D 73 -4.07 -14.07 4.16
N LEU D 74 -5.14 -14.51 3.50
CA LEU D 74 -5.43 -14.06 2.15
C LEU D 74 -5.58 -12.55 2.15
N GLY D 75 -6.39 -12.04 3.09
CA GLY D 75 -6.54 -10.61 3.27
C GLY D 75 -5.23 -9.85 3.32
N GLU D 76 -4.30 -10.31 4.15
CA GLU D 76 -3.05 -9.58 4.36
C GLU D 76 -2.16 -9.62 3.12
N LEU D 77 -2.17 -10.73 2.39
CA LEU D 77 -1.36 -10.83 1.18
C LEU D 77 -1.98 -9.97 0.08
N GLU D 78 -3.31 -9.96 0.01
CA GLU D 78 -4.02 -9.09 -0.92
C GLU D 78 -3.61 -7.64 -0.72
N VAL D 79 -3.63 -7.19 0.53
CA VAL D 79 -3.21 -5.82 0.85
C VAL D 79 -1.74 -5.63 0.56
N ALA D 80 -0.93 -6.63 0.90
CA ALA D 80 0.51 -6.49 0.80
C ALA D 80 0.97 -6.35 -0.65
N PHE D 81 0.26 -7.02 -1.55
CA PHE D 81 0.63 -7.05 -2.96
C PHE D 81 -0.36 -6.30 -3.86
N LYS D 82 -1.10 -5.35 -3.31
CA LYS D 82 -2.18 -4.69 -4.04
C LYS D 82 -1.68 -3.87 -5.25
N THR E 16 18.46 23.88 -14.06
CA THR E 16 18.75 24.88 -13.04
C THR E 16 17.76 26.06 -13.13
N GLY E 17 17.40 26.43 -14.35
CA GLY E 17 16.38 27.42 -14.59
C GLY E 17 15.02 26.75 -14.63
N TYR E 18 15.03 25.44 -14.41
CA TYR E 18 13.79 24.67 -14.32
C TYR E 18 12.95 25.13 -13.15
N GLN E 19 13.61 25.43 -12.04
CA GLN E 19 12.90 25.91 -10.86
C GLN E 19 12.27 27.28 -11.13
N GLU E 20 12.79 27.99 -12.13
CA GLU E 20 12.22 29.26 -12.55
C GLU E 20 10.98 29.05 -13.41
N MET E 21 11.11 28.15 -14.40
CA MET E 21 10.01 27.76 -15.26
C MET E 21 8.90 27.11 -14.44
N PHE E 22 9.28 26.25 -13.50
CA PHE E 22 8.31 25.62 -12.63
C PHE E 22 7.74 26.61 -11.60
N GLN E 23 8.42 27.74 -11.39
CA GLN E 23 7.87 28.69 -10.44
C GLN E 23 6.76 29.48 -11.12
N ARG E 24 6.89 29.67 -12.43
CA ARG E 24 5.87 30.37 -13.19
C ARG E 24 4.67 29.46 -13.42
N VAL E 25 4.94 28.20 -13.73
CA VAL E 25 3.89 27.19 -13.82
C VAL E 25 3.11 27.11 -12.50
N ASN E 26 3.81 27.04 -11.38
CA ASN E 26 3.18 26.96 -10.07
C ASN E 26 2.28 28.16 -9.79
N THR E 27 2.76 29.34 -10.16
CA THR E 27 1.99 30.56 -9.97
C THR E 27 0.74 30.55 -10.84
N ARG E 28 0.86 30.03 -12.05
CA ARG E 28 -0.27 29.98 -12.96
C ARG E 28 -1.35 29.06 -12.39
N ILE E 29 -0.93 27.88 -11.93
CA ILE E 29 -1.82 26.90 -11.32
C ILE E 29 -2.49 27.46 -10.06
N ARG E 30 -1.73 28.13 -9.19
CA ARG E 30 -2.31 28.73 -8.00
C ARG E 30 -3.36 29.78 -8.34
N GLU E 31 -3.11 30.54 -9.38
CA GLU E 31 -4.02 31.61 -9.74
C GLU E 31 -5.34 31.06 -10.29
N PHE E 32 -5.28 30.05 -11.14
CA PHE E 32 -6.55 29.56 -11.68
C PHE E 32 -7.28 28.73 -10.63
N MET E 33 -6.57 28.13 -9.69
CA MET E 33 -7.23 27.47 -8.57
C MET E 33 -7.97 28.49 -7.69
N ILE E 34 -7.29 29.58 -7.39
CA ILE E 34 -7.86 30.65 -6.58
C ILE E 34 -9.07 31.29 -7.27
N ASN E 35 -8.94 31.57 -8.56
CA ASN E 35 -10.05 32.06 -9.36
C ASN E 35 -11.24 31.09 -9.38
N GLU E 36 -10.99 29.77 -9.41
CA GLU E 36 -12.08 28.79 -9.36
C GLU E 36 -12.79 28.78 -8.00
N LEU E 37 -12.04 28.91 -6.92
CA LEU E 37 -12.62 28.87 -5.59
C LEU E 37 -13.45 30.13 -5.31
N LYS E 38 -12.99 31.27 -5.83
CA LYS E 38 -13.73 32.51 -5.72
C LYS E 38 -14.98 32.49 -6.58
N ASN E 39 -14.83 32.08 -7.84
CA ASN E 39 -15.95 32.11 -8.77
C ASN E 39 -17.06 31.14 -8.37
N HIS E 40 -16.75 30.13 -7.56
CA HIS E 40 -17.79 29.21 -7.11
C HIS E 40 -18.07 29.32 -5.61
N HIS E 41 -17.58 30.41 -5.03
CA HIS E 41 -17.84 30.73 -3.63
C HIS E 41 -17.51 29.56 -2.74
N ASN E 42 -16.34 28.96 -3.00
CA ASN E 42 -15.87 27.81 -2.24
C ASN E 42 -14.66 28.13 -1.36
N GLU E 43 -14.39 29.42 -1.13
CA GLU E 43 -13.27 29.84 -0.27
C GLU E 43 -13.28 29.17 1.10
N ASP E 44 -14.47 28.81 1.56
CA ASP E 44 -14.67 28.19 2.85
C ASP E 44 -13.94 26.85 2.98
N ASN E 45 -13.69 26.23 1.84
CA ASN E 45 -12.93 24.99 1.81
C ASN E 45 -11.49 25.22 2.26
N VAL E 46 -10.93 26.36 1.85
CA VAL E 46 -9.55 26.67 2.17
C VAL E 46 -9.36 26.89 3.67
N PHE E 47 -10.17 27.78 4.24
CA PHE E 47 -10.09 28.10 5.67
C PHE E 47 -10.32 26.88 6.55
N MET E 48 -11.34 26.09 6.22
CA MET E 48 -11.67 24.88 6.96
C MET E 48 -10.45 23.96 7.05
N LEU E 49 -9.80 23.73 5.92
CA LEU E 49 -8.66 22.81 5.89
C LEU E 49 -7.40 23.46 6.46
N ALA E 50 -7.30 24.79 6.35
CA ALA E 50 -6.16 25.51 6.90
C ALA E 50 -6.21 25.52 8.42
N LYS E 51 -7.40 25.60 8.99
CA LYS E 51 -7.57 25.56 10.43
C LYS E 51 -7.19 24.18 10.97
N ASN E 52 -7.54 23.15 10.20
CA ASN E 52 -7.27 21.78 10.61
C ASN E 52 -5.80 21.41 10.48
N SER E 53 -5.01 22.33 9.94
CA SER E 53 -3.59 22.07 9.69
C SER E 53 -2.69 22.99 10.51
N GLY E 54 -3.31 23.88 11.28
CA GLY E 54 -2.57 24.79 12.14
C GLY E 54 -2.18 26.09 11.47
N ILE E 55 -2.39 26.17 10.16
CA ILE E 55 -2.01 27.35 9.40
C ILE E 55 -3.06 28.45 9.59
N GLU E 56 -2.60 29.66 9.90
CA GLU E 56 -3.49 30.80 10.08
C GLU E 56 -3.41 31.71 8.86
N ILE E 57 -4.55 31.91 8.19
CA ILE E 57 -4.59 32.77 7.02
C ILE E 57 -5.72 33.77 7.07
N ALA E 58 -5.57 34.86 6.33
CA ALA E 58 -6.63 35.86 6.20
C ALA E 58 -7.25 35.78 4.82
N LYS E 59 -6.40 35.77 3.80
CA LYS E 59 -6.82 35.60 2.42
C LYS E 59 -6.45 34.19 1.95
N ILE E 60 -7.23 33.63 1.02
CA ILE E 60 -6.92 32.29 0.51
C ILE E 60 -5.63 32.35 -0.30
N GLU E 61 -5.28 33.54 -0.77
CA GLU E 61 -4.04 33.74 -1.52
C GLU E 61 -2.80 33.42 -0.69
N GLU E 62 -2.96 33.33 0.62
CA GLU E 62 -1.85 33.02 1.51
C GLU E 62 -1.80 31.55 1.86
N ALA E 63 -2.76 30.79 1.32
CA ALA E 63 -2.79 29.36 1.56
C ALA E 63 -1.64 28.71 0.82
N PRO E 64 -0.95 27.80 1.51
CA PRO E 64 0.09 26.98 0.89
C PRO E 64 -0.54 25.90 0.04
N ASN E 65 0.18 25.40 -0.97
CA ASN E 65 -0.35 24.41 -1.87
C ASN E 65 -0.91 23.20 -1.16
N ALA E 66 -0.33 22.89 0.01
CA ALA E 66 -0.77 21.73 0.78
C ALA E 66 -2.24 21.81 1.18
N VAL E 67 -2.78 23.02 1.38
CA VAL E 67 -4.21 23.14 1.67
C VAL E 67 -5.00 23.70 0.46
N LEU E 68 -4.36 24.53 -0.35
CA LEU E 68 -5.02 25.13 -1.51
C LEU E 68 -5.39 24.10 -2.57
N ILE E 69 -4.56 23.09 -2.79
CA ILE E 69 -4.82 22.10 -3.82
C ILE E 69 -5.99 21.16 -3.44
N PRO E 70 -5.96 20.54 -2.25
CA PRO E 70 -7.14 19.72 -1.95
C PRO E 70 -8.44 20.51 -1.83
N ALA E 71 -8.37 21.76 -1.37
CA ALA E 71 -9.58 22.59 -1.28
C ALA E 71 -10.15 22.84 -2.67
N PHE E 72 -9.26 23.13 -3.61
CA PHE E 72 -9.64 23.28 -5.01
C PHE E 72 -10.34 22.03 -5.53
N VAL E 73 -9.77 20.86 -5.26
CA VAL E 73 -10.31 19.61 -5.75
C VAL E 73 -11.70 19.35 -5.19
N LEU E 74 -11.88 19.61 -3.88
CA LEU E 74 -13.20 19.52 -3.26
C LEU E 74 -14.20 20.44 -3.95
N GLY E 75 -13.79 21.69 -4.13
CA GLY E 75 -14.57 22.69 -4.84
C GLY E 75 -15.05 22.17 -6.18
N GLU E 76 -14.15 21.60 -6.98
CA GLU E 76 -14.55 21.08 -8.29
C GLU E 76 -15.53 19.91 -8.17
N LEU E 77 -15.32 19.05 -7.17
CA LEU E 77 -16.21 17.91 -6.99
C LEU E 77 -17.59 18.37 -6.54
N GLU E 78 -17.63 19.32 -5.61
CA GLU E 78 -18.90 19.89 -5.16
C GLU E 78 -19.68 20.51 -6.33
N VAL E 79 -18.99 21.28 -7.17
CA VAL E 79 -19.67 21.89 -8.31
C VAL E 79 -20.06 20.83 -9.32
N ALA E 80 -19.17 19.88 -9.58
CA ALA E 80 -19.44 18.83 -10.55
C ALA E 80 -20.68 18.02 -10.16
N PHE E 81 -20.87 17.81 -8.86
CA PHE E 81 -21.90 16.90 -8.37
C PHE E 81 -23.09 17.63 -7.76
N LYS E 82 -23.18 18.94 -8.00
CA LYS E 82 -24.34 19.70 -7.57
C LYS E 82 -25.60 19.07 -8.17
N THR F 16 -12.60 15.98 9.12
CA THR F 16 -11.15 15.76 9.06
C THR F 16 -10.84 14.47 8.32
N GLY F 17 -11.86 13.65 8.10
CA GLY F 17 -11.71 12.46 7.27
C GLY F 17 -11.24 12.85 5.87
N TYR F 18 -11.62 14.06 5.46
CA TYR F 18 -11.16 14.64 4.21
C TYR F 18 -9.64 14.69 4.16
N GLN F 19 -9.03 15.03 5.29
CA GLN F 19 -7.58 15.07 5.37
C GLN F 19 -7.00 13.66 5.33
N GLU F 20 -7.65 12.72 6.03
CA GLU F 20 -7.25 11.32 5.98
C GLU F 20 -7.35 10.76 4.58
N MET F 21 -8.50 10.98 3.93
CA MET F 21 -8.71 10.57 2.55
C MET F 21 -7.64 11.15 1.63
N PHE F 22 -7.43 12.46 1.73
CA PHE F 22 -6.43 13.14 0.93
C PHE F 22 -5.03 12.68 1.33
N GLN F 23 -4.87 12.25 2.57
CA GLN F 23 -3.58 11.71 3.01
C GLN F 23 -3.27 10.46 2.21
N ARG F 24 -4.29 9.61 2.07
CA ARG F 24 -4.11 8.35 1.39
C ARG F 24 -3.97 8.56 -0.13
N VAL F 25 -4.67 9.56 -0.66
CA VAL F 25 -4.52 9.93 -2.07
C VAL F 25 -3.11 10.45 -2.35
N ASN F 26 -2.64 11.35 -1.49
CA ASN F 26 -1.31 11.93 -1.63
C ASN F 26 -0.17 10.90 -1.50
N THR F 27 -0.41 9.88 -0.69
CA THR F 27 0.53 8.78 -0.53
C THR F 27 0.55 7.94 -1.81
N ARG F 28 -0.63 7.68 -2.35
CA ARG F 28 -0.75 6.96 -3.59
C ARG F 28 -0.02 7.69 -4.72
N ILE F 29 -0.20 9.01 -4.80
CA ILE F 29 0.43 9.78 -5.85
C ILE F 29 1.94 9.81 -5.68
N ARG F 30 2.40 9.93 -4.44
CA ARG F 30 3.84 9.89 -4.16
C ARG F 30 4.45 8.56 -4.59
N GLU F 31 3.76 7.46 -4.28
CA GLU F 31 4.28 6.14 -4.64
C GLU F 31 4.39 5.92 -6.14
N PHE F 32 3.39 6.35 -6.90
CA PHE F 32 3.46 6.11 -8.32
C PHE F 32 4.45 7.09 -8.96
N MET F 33 4.64 8.26 -8.37
CA MET F 33 5.67 9.17 -8.90
C MET F 33 7.06 8.57 -8.70
N ILE F 34 7.31 8.08 -7.50
CA ILE F 34 8.54 7.39 -7.15
C ILE F 34 8.78 6.15 -8.02
N ASN F 35 7.74 5.35 -8.27
CA ASN F 35 7.88 4.17 -9.11
C ASN F 35 8.24 4.53 -10.54
N GLU F 36 7.67 5.63 -11.04
CA GLU F 36 7.99 6.09 -12.39
C GLU F 36 9.41 6.63 -12.48
N LEU F 37 9.86 7.33 -11.45
CA LEU F 37 11.21 7.88 -11.49
C LEU F 37 12.27 6.77 -11.43
N LYS F 38 12.03 5.73 -10.61
CA LYS F 38 12.95 4.60 -10.56
C LYS F 38 12.91 3.76 -11.83
N ASN F 39 11.71 3.41 -12.28
CA ASN F 39 11.56 2.52 -13.43
C ASN F 39 12.18 3.12 -14.69
N HIS F 40 12.25 4.44 -14.75
CA HIS F 40 12.84 5.11 -15.90
C HIS F 40 14.19 5.73 -15.57
N HIS F 41 14.73 5.37 -14.41
CA HIS F 41 16.07 5.79 -14.00
C HIS F 41 16.25 7.31 -14.07
N ASN F 42 15.29 8.03 -13.48
CA ASN F 42 15.33 9.49 -13.48
C ASN F 42 15.43 10.05 -12.08
N GLU F 43 15.91 9.25 -11.13
CA GLU F 43 16.06 9.69 -9.74
C GLU F 43 17.00 10.88 -9.63
N ASP F 44 17.89 11.01 -10.59
CA ASP F 44 18.79 12.15 -10.69
C ASP F 44 18.06 13.50 -10.72
N ASN F 45 16.89 13.53 -11.35
CA ASN F 45 16.07 14.74 -11.37
C ASN F 45 15.72 15.22 -9.97
N VAL F 46 15.42 14.28 -9.09
CA VAL F 46 15.05 14.61 -7.72
C VAL F 46 16.23 15.28 -7.00
N PHE F 47 17.41 14.67 -7.07
CA PHE F 47 18.58 15.18 -6.38
C PHE F 47 19.02 16.52 -6.94
N MET F 48 18.99 16.64 -8.26
CA MET F 48 19.31 17.90 -8.92
C MET F 48 18.48 19.04 -8.33
N LEU F 49 17.17 18.87 -8.37
CA LEU F 49 16.27 19.92 -7.89
C LEU F 49 16.35 20.09 -6.38
N ALA F 50 16.74 19.04 -5.67
CA ALA F 50 16.88 19.11 -4.23
C ALA F 50 18.15 19.89 -3.85
N LYS F 51 19.22 19.65 -4.60
CA LYS F 51 20.50 20.30 -4.35
C LYS F 51 20.38 21.80 -4.48
N ASN F 52 19.45 22.23 -5.34
CA ASN F 52 19.25 23.63 -5.64
C ASN F 52 18.34 24.33 -4.64
N SER F 53 17.47 23.55 -4.00
CA SER F 53 16.48 24.12 -3.09
C SER F 53 16.97 24.12 -1.65
N GLY F 54 18.13 23.53 -1.42
CA GLY F 54 18.72 23.48 -0.10
C GLY F 54 18.15 22.38 0.77
N ILE F 55 17.78 21.27 0.15
CA ILE F 55 17.19 20.15 0.86
C ILE F 55 18.15 18.95 0.87
N GLU F 56 18.31 18.33 2.03
CA GLU F 56 19.24 17.21 2.18
C GLU F 56 18.50 15.87 2.24
N ILE F 57 18.70 15.04 1.22
CA ILE F 57 18.05 13.73 1.18
C ILE F 57 19.00 12.62 0.78
N ALA F 58 18.70 11.41 1.25
CA ALA F 58 19.47 10.23 0.88
C ALA F 58 18.75 9.45 -0.21
N LYS F 59 17.46 9.20 0.01
CA LYS F 59 16.63 8.50 -0.96
C LYS F 59 15.55 9.45 -1.45
N ILE F 60 15.05 9.24 -2.68
CA ILE F 60 14.05 10.14 -3.23
C ILE F 60 12.75 10.04 -2.45
N GLU F 61 12.61 8.97 -1.65
CA GLU F 61 11.46 8.81 -0.76
C GLU F 61 11.35 9.94 0.26
N GLU F 62 12.46 10.60 0.52
CA GLU F 62 12.46 11.65 1.53
C GLU F 62 12.30 13.03 0.90
N ALA F 63 12.20 13.07 -0.43
CA ALA F 63 11.94 14.32 -1.11
C ALA F 63 10.50 14.77 -0.84
N PRO F 64 10.33 16.06 -0.50
CA PRO F 64 8.99 16.65 -0.36
C PRO F 64 8.33 16.84 -1.72
N ASN F 65 7.01 16.95 -1.73
CA ASN F 65 6.28 17.07 -2.99
C ASN F 65 6.76 18.24 -3.81
N ALA F 66 7.20 19.30 -3.14
CA ALA F 66 7.68 20.50 -3.82
C ALA F 66 8.83 20.21 -4.78
N VAL F 67 9.67 19.21 -4.48
CA VAL F 67 10.73 18.85 -5.43
C VAL F 67 10.36 17.59 -6.21
N LEU F 68 9.61 16.68 -5.58
CA LEU F 68 9.29 15.39 -6.16
C LEU F 68 8.37 15.51 -7.38
N ILE F 69 7.36 16.37 -7.28
CA ILE F 69 6.42 16.55 -8.38
C ILE F 69 7.08 17.11 -9.65
N PRO F 70 7.82 18.24 -9.55
CA PRO F 70 8.49 18.72 -10.77
C PRO F 70 9.52 17.72 -11.34
N ALA F 71 10.22 17.01 -10.47
CA ALA F 71 11.16 15.98 -10.92
C ALA F 71 10.42 14.89 -11.69
N PHE F 72 9.26 14.51 -11.17
CA PHE F 72 8.40 13.56 -11.85
C PHE F 72 7.98 14.08 -13.23
N VAL F 73 7.57 15.35 -13.29
CA VAL F 73 7.08 15.91 -14.54
C VAL F 73 8.18 15.96 -15.58
N LEU F 74 9.37 16.42 -15.19
CA LEU F 74 10.52 16.42 -16.08
C LEU F 74 10.86 15.01 -16.57
N GLY F 75 10.77 14.04 -15.67
CA GLY F 75 10.98 12.65 -16.00
C GLY F 75 10.07 12.18 -17.11
N GLU F 76 8.78 12.48 -16.97
CA GLU F 76 7.81 12.05 -17.97
C GLU F 76 8.07 12.73 -19.32
N LEU F 77 8.49 13.99 -19.28
CA LEU F 77 8.82 14.70 -20.50
C LEU F 77 10.04 14.10 -21.21
N GLU F 78 11.08 13.78 -20.45
CA GLU F 78 12.28 13.14 -21.01
C GLU F 78 11.97 11.77 -21.64
N VAL F 79 11.12 10.98 -21.01
CA VAL F 79 10.73 9.69 -21.60
C VAL F 79 9.84 9.91 -22.82
N ALA F 80 8.86 10.79 -22.70
CA ALA F 80 7.93 11.09 -23.79
C ALA F 80 8.67 11.52 -25.06
N PHE F 81 9.72 12.32 -24.91
CA PHE F 81 10.40 12.93 -26.05
C PHE F 81 11.73 12.28 -26.41
N LYS F 82 11.94 11.07 -25.93
CA LYS F 82 13.11 10.31 -26.33
C LYS F 82 12.94 9.75 -27.74
N THR G 16 -23.01 1.75 -14.33
CA THR G 16 -23.89 2.81 -14.80
C THR G 16 -23.80 4.06 -13.92
N GLY G 17 -23.37 3.88 -12.68
CA GLY G 17 -23.16 4.99 -11.77
C GLY G 17 -21.85 5.67 -12.07
N TYR G 18 -20.85 4.85 -12.40
CA TYR G 18 -19.58 5.35 -12.89
C TYR G 18 -19.78 6.15 -14.16
N GLN G 19 -20.61 5.61 -15.05
CA GLN G 19 -20.98 6.25 -16.30
C GLN G 19 -21.48 7.67 -16.08
N GLU G 20 -22.27 7.85 -15.01
CA GLU G 20 -22.86 9.14 -14.72
C GLU G 20 -21.87 10.04 -13.97
N MET G 21 -21.16 9.45 -13.02
CA MET G 21 -20.23 10.19 -12.20
C MET G 21 -19.08 10.77 -13.02
N PHE G 22 -18.62 10.00 -14.01
CA PHE G 22 -17.50 10.45 -14.83
C PHE G 22 -17.95 11.42 -15.93
N GLN G 23 -19.22 11.33 -16.33
CA GLN G 23 -19.81 12.34 -17.20
C GLN G 23 -19.79 13.72 -16.53
N ARG G 24 -20.14 13.75 -15.25
CA ARG G 24 -20.24 15.01 -14.55
C ARG G 24 -18.85 15.60 -14.32
N VAL G 25 -17.86 14.72 -14.16
CA VAL G 25 -16.48 15.18 -14.02
C VAL G 25 -15.97 15.74 -15.34
N ASN G 26 -16.19 15.01 -16.43
CA ASN G 26 -15.85 15.48 -17.77
C ASN G 26 -16.47 16.85 -18.05
N THR G 27 -17.73 17.03 -17.65
CA THR G 27 -18.44 18.28 -17.90
C THR G 27 -17.83 19.43 -17.11
N ARG G 28 -17.50 19.15 -15.84
CA ARG G 28 -16.86 20.15 -15.01
C ARG G 28 -15.50 20.60 -15.58
N ILE G 29 -14.72 19.65 -16.07
CA ILE G 29 -13.38 19.94 -16.56
C ILE G 29 -13.44 20.73 -17.88
N ARG G 30 -14.33 20.30 -18.79
CA ARG G 30 -14.56 21.07 -20.00
C ARG G 30 -14.97 22.49 -19.67
N GLU G 31 -15.85 22.62 -18.67
CA GLU G 31 -16.33 23.93 -18.27
C GLU G 31 -15.22 24.85 -17.79
N PHE G 32 -14.30 24.38 -16.95
CA PHE G 32 -13.31 25.34 -16.47
C PHE G 32 -12.23 25.58 -17.52
N MET G 33 -11.96 24.61 -18.39
CA MET G 33 -11.01 24.83 -19.49
C MET G 33 -11.53 25.87 -20.47
N ILE G 34 -12.81 25.75 -20.80
CA ILE G 34 -13.43 26.71 -21.71
C ILE G 34 -13.44 28.11 -21.09
N ASN G 35 -13.74 28.18 -19.79
CA ASN G 35 -13.72 29.44 -19.05
C ASN G 35 -12.34 30.09 -19.05
N GLU G 36 -11.32 29.29 -18.77
CA GLU G 36 -9.94 29.75 -18.80
C GLU G 36 -9.52 30.26 -20.18
N LEU G 37 -9.99 29.60 -21.22
CA LEU G 37 -9.64 29.99 -22.59
C LEU G 37 -10.25 31.36 -22.99
N LYS G 38 -11.48 31.60 -22.56
CA LYS G 38 -12.17 32.84 -22.89
C LYS G 38 -11.59 34.00 -22.10
N ASN G 39 -11.44 33.80 -20.80
CA ASN G 39 -10.98 34.85 -19.91
C ASN G 39 -9.56 35.30 -20.19
N HIS G 40 -8.75 34.45 -20.81
CA HIS G 40 -7.41 34.82 -21.21
C HIS G 40 -7.35 34.94 -22.73
N HIS G 41 -8.53 34.93 -23.36
CA HIS G 41 -8.67 35.24 -24.77
C HIS G 41 -7.83 34.36 -25.68
N ASN G 42 -7.85 33.06 -25.38
CA ASN G 42 -7.03 32.10 -26.12
C ASN G 42 -7.85 31.15 -26.97
N GLU G 43 -9.07 31.55 -27.31
CA GLU G 43 -9.95 30.71 -28.09
C GLU G 43 -9.31 30.23 -29.38
N ASP G 44 -8.49 31.09 -30.00
CA ASP G 44 -7.83 30.76 -31.26
C ASP G 44 -7.04 29.45 -31.22
N ASN G 45 -6.44 29.14 -30.06
CA ASN G 45 -5.78 27.85 -29.87
C ASN G 45 -6.68 26.69 -30.26
N VAL G 46 -7.94 26.76 -29.87
CA VAL G 46 -8.90 25.71 -30.20
C VAL G 46 -9.12 25.63 -31.70
N PHE G 47 -9.52 26.75 -32.29
CA PHE G 47 -9.78 26.82 -33.73
C PHE G 47 -8.59 26.41 -34.57
N MET G 48 -7.41 26.90 -34.23
CA MET G 48 -6.20 26.49 -34.93
C MET G 48 -6.01 24.98 -34.91
N LEU G 49 -5.92 24.41 -33.72
CA LEU G 49 -5.74 22.98 -33.56
C LEU G 49 -6.86 22.21 -34.21
N ALA G 50 -8.09 22.74 -34.11
CA ALA G 50 -9.22 22.13 -34.79
C ALA G 50 -9.00 22.05 -36.30
N LYS G 51 -8.57 23.17 -36.89
CA LYS G 51 -8.32 23.24 -38.33
C LYS G 51 -7.29 22.20 -38.80
N ASN G 52 -6.20 22.06 -38.06
CA ASN G 52 -5.11 21.16 -38.45
C ASN G 52 -5.45 19.69 -38.30
N SER G 53 -6.54 19.42 -37.58
CA SER G 53 -6.97 18.05 -37.33
C SER G 53 -8.16 17.72 -38.21
N GLY G 54 -8.51 18.66 -39.09
CA GLY G 54 -9.63 18.48 -39.99
C GLY G 54 -10.97 18.46 -39.27
N ILE G 55 -11.02 19.08 -38.10
CA ILE G 55 -12.25 19.13 -37.34
C ILE G 55 -12.92 20.47 -37.58
N GLU G 56 -14.22 20.42 -37.84
CA GLU G 56 -14.97 21.61 -38.24
C GLU G 56 -15.88 22.09 -37.13
N ILE G 57 -15.54 23.21 -36.50
CA ILE G 57 -16.36 23.72 -35.41
C ILE G 57 -16.70 25.18 -35.59
N ALA G 58 -17.86 25.57 -35.07
CA ALA G 58 -18.29 26.97 -35.12
C ALA G 58 -17.91 27.70 -33.83
N LYS G 59 -17.89 26.98 -32.72
CA LYS G 59 -17.51 27.55 -31.43
C LYS G 59 -16.76 26.54 -30.56
N ILE G 60 -15.98 27.04 -29.60
CA ILE G 60 -15.08 26.17 -28.84
C ILE G 60 -15.80 25.13 -27.97
N GLU G 61 -17.03 25.41 -27.58
CA GLU G 61 -17.84 24.44 -26.85
C GLU G 61 -18.05 23.15 -27.64
N GLU G 62 -17.80 23.20 -28.94
CA GLU G 62 -18.00 22.07 -29.83
C GLU G 62 -16.73 21.26 -30.03
N ALA G 63 -15.61 21.76 -29.52
CA ALA G 63 -14.35 21.03 -29.64
C ALA G 63 -14.34 19.79 -28.76
N PRO G 64 -13.98 18.65 -29.34
CA PRO G 64 -13.78 17.43 -28.56
C PRO G 64 -12.58 17.63 -27.64
N ASN G 65 -12.47 16.82 -26.59
CA ASN G 65 -11.35 16.95 -25.66
C ASN G 65 -10.00 16.80 -26.33
N ALA G 66 -9.92 16.07 -27.43
CA ALA G 66 -8.63 15.85 -28.09
C ALA G 66 -8.02 17.16 -28.61
N VAL G 67 -8.87 18.16 -28.87
CA VAL G 67 -8.34 19.48 -29.22
C VAL G 67 -8.52 20.51 -28.08
N LEU G 68 -9.59 20.39 -27.31
CA LEU G 68 -9.83 21.33 -26.22
C LEU G 68 -8.72 21.27 -25.17
N ILE G 69 -8.32 20.07 -24.80
CA ILE G 69 -7.32 19.91 -23.73
C ILE G 69 -5.94 20.44 -24.13
N PRO G 70 -5.39 20.05 -25.31
CA PRO G 70 -4.12 20.67 -25.72
C PRO G 70 -4.18 22.21 -25.82
N ALA G 71 -5.26 22.71 -26.41
CA ALA G 71 -5.46 24.15 -26.54
C ALA G 71 -5.45 24.83 -25.17
N PHE G 72 -6.12 24.21 -24.20
CA PHE G 72 -6.14 24.70 -22.83
C PHE G 72 -4.74 24.71 -22.22
N VAL G 73 -3.97 23.66 -22.49
CA VAL G 73 -2.61 23.57 -21.95
C VAL G 73 -1.71 24.65 -22.57
N LEU G 74 -1.75 24.78 -23.89
CA LEU G 74 -1.04 25.86 -24.58
C LEU G 74 -1.43 27.22 -24.02
N GLY G 75 -2.74 27.40 -23.85
CA GLY G 75 -3.27 28.63 -23.29
C GLY G 75 -2.66 28.95 -21.94
N GLU G 76 -2.63 27.96 -21.05
CA GLU G 76 -2.10 28.16 -19.70
C GLU G 76 -0.60 28.47 -19.69
N LEU G 77 0.16 27.79 -20.55
CA LEU G 77 1.61 28.04 -20.62
C LEU G 77 1.88 29.43 -21.19
N GLU G 78 1.13 29.83 -22.21
CA GLU G 78 1.24 31.17 -22.79
C GLU G 78 1.03 32.24 -21.73
N VAL G 79 0.04 32.04 -20.87
CA VAL G 79 -0.21 33.00 -19.80
C VAL G 79 0.90 32.91 -18.76
N ALA G 80 1.27 31.69 -18.38
CA ALA G 80 2.29 31.43 -17.36
C ALA G 80 3.61 32.12 -17.66
N PHE G 81 4.03 32.04 -18.92
CA PHE G 81 5.33 32.58 -19.33
C PHE G 81 5.16 33.97 -19.97
N LYS G 82 4.43 34.82 -19.26
CA LYS G 82 3.99 36.14 -19.72
C LYS G 82 2.99 35.97 -20.86
N THR H 16 0.94 21.44 -35.94
CA THR H 16 1.45 20.26 -36.66
C THR H 16 2.72 19.73 -35.98
N GLY H 17 3.52 20.65 -35.44
CA GLY H 17 4.60 20.29 -34.54
C GLY H 17 3.99 20.12 -33.17
N TYR H 18 2.93 20.89 -32.92
CA TYR H 18 2.11 20.71 -31.73
C TYR H 18 1.41 19.37 -31.80
N GLN H 19 0.97 19.02 -33.01
CA GLN H 19 0.30 17.75 -33.26
C GLN H 19 1.17 16.58 -32.84
N GLU H 20 2.45 16.62 -33.21
CA GLU H 20 3.34 15.50 -32.92
C GLU H 20 3.76 15.51 -31.44
N MET H 21 3.92 16.69 -30.89
CA MET H 21 4.33 16.82 -29.50
C MET H 21 3.27 16.30 -28.53
N PHE H 22 2.02 16.70 -28.75
CA PHE H 22 0.92 16.28 -27.88
C PHE H 22 0.62 14.80 -28.09
N GLN H 23 0.95 14.31 -29.27
CA GLN H 23 0.82 12.88 -29.55
C GLN H 23 1.84 12.07 -28.75
N ARG H 24 3.02 12.65 -28.55
CA ARG H 24 4.03 12.02 -27.71
C ARG H 24 3.60 12.03 -26.25
N VAL H 25 3.01 13.14 -25.81
CA VAL H 25 2.52 13.25 -24.44
C VAL H 25 1.36 12.29 -24.19
N ASN H 26 0.43 12.21 -25.13
CA ASN H 26 -0.68 11.27 -25.03
C ASN H 26 -0.19 9.82 -24.90
N THR H 27 0.81 9.47 -25.72
CA THR H 27 1.37 8.12 -25.71
C THR H 27 2.03 7.80 -24.38
N ARG H 28 2.78 8.76 -23.84
CA ARG H 28 3.43 8.57 -22.55
C ARG H 28 2.40 8.37 -21.44
N ILE H 29 1.31 9.13 -21.49
CA ILE H 29 0.30 9.06 -20.44
C ILE H 29 -0.48 7.75 -20.53
N ARG H 30 -0.85 7.33 -21.74
CA ARG H 30 -1.47 6.02 -21.91
C ARG H 30 -0.55 4.92 -21.38
N GLU H 31 0.73 4.99 -21.70
CA GLU H 31 1.70 3.99 -21.26
C GLU H 31 1.80 3.85 -19.74
N PHE H 32 1.81 4.95 -18.99
CA PHE H 32 1.94 4.79 -17.55
C PHE H 32 0.60 4.42 -16.92
N MET H 33 -0.52 4.82 -17.52
CA MET H 33 -1.82 4.41 -17.01
C MET H 33 -1.97 2.90 -17.14
N ILE H 34 -1.62 2.40 -18.33
CA ILE H 34 -1.66 0.97 -18.60
C ILE H 34 -0.71 0.19 -17.69
N ASN H 35 0.52 0.69 -17.51
CA ASN H 35 1.47 0.03 -16.62
C ASN H 35 0.95 -0.03 -15.18
N GLU H 36 0.33 1.07 -14.74
CA GLU H 36 -0.24 1.13 -13.41
C GLU H 36 -1.41 0.16 -13.25
N LEU H 37 -2.21 0.04 -14.29
CA LEU H 37 -3.35 -0.88 -14.27
C LEU H 37 -2.89 -2.34 -14.21
N LYS H 38 -1.81 -2.66 -14.93
CA LYS H 38 -1.29 -4.02 -14.97
C LYS H 38 -0.60 -4.38 -13.68
N ASN H 39 0.26 -3.50 -13.19
CA ASN H 39 1.05 -3.79 -11.99
C ASN H 39 0.21 -3.90 -10.73
N HIS H 40 -0.94 -3.25 -10.70
CA HIS H 40 -1.85 -3.40 -9.56
C HIS H 40 -3.03 -4.33 -9.90
N HIS H 41 -2.95 -4.99 -11.04
CA HIS H 41 -3.90 -6.03 -11.44
C HIS H 41 -5.33 -5.51 -11.47
N ASN H 42 -5.52 -4.40 -12.17
CA ASN H 42 -6.81 -3.72 -12.22
C ASN H 42 -7.36 -3.63 -13.63
N GLU H 43 -6.78 -4.40 -14.55
CA GLU H 43 -7.19 -4.36 -15.95
C GLU H 43 -8.68 -4.62 -16.15
N ASP H 44 -9.33 -5.25 -15.18
CA ASP H 44 -10.78 -5.49 -15.24
C ASP H 44 -11.59 -4.21 -15.24
N ASN H 45 -11.07 -3.16 -14.60
CA ASN H 45 -11.70 -1.84 -14.68
C ASN H 45 -11.89 -1.40 -16.13
N VAL H 46 -10.85 -1.61 -16.94
CA VAL H 46 -10.97 -1.22 -18.35
C VAL H 46 -12.06 -2.02 -19.05
N PHE H 47 -12.02 -3.33 -18.90
CA PHE H 47 -12.97 -4.20 -19.57
C PHE H 47 -14.40 -3.91 -19.12
N MET H 48 -14.58 -3.79 -17.81
CA MET H 48 -15.89 -3.49 -17.27
C MET H 48 -16.46 -2.21 -17.88
N LEU H 49 -15.64 -1.17 -17.88
CA LEU H 49 -16.06 0.13 -18.39
C LEU H 49 -16.27 0.08 -19.89
N ALA H 50 -15.44 -0.70 -20.59
CA ALA H 50 -15.65 -0.88 -22.02
C ALA H 50 -16.99 -1.54 -22.31
N LYS H 51 -17.26 -2.64 -21.60
CA LYS H 51 -18.50 -3.39 -21.80
C LYS H 51 -19.75 -2.52 -21.63
N ASN H 52 -19.80 -1.74 -20.54
CA ASN H 52 -20.98 -0.92 -20.26
C ASN H 52 -21.15 0.26 -21.20
N SER H 53 -20.16 0.48 -22.06
CA SER H 53 -20.20 1.59 -23.00
C SER H 53 -20.31 1.09 -24.44
N GLY H 54 -20.51 -0.21 -24.60
CA GLY H 54 -20.68 -0.78 -25.92
C GLY H 54 -19.44 -0.63 -26.77
N ILE H 55 -18.29 -0.88 -26.15
CA ILE H 55 -17.01 -0.83 -26.83
C ILE H 55 -16.40 -2.21 -26.75
N GLU H 56 -15.90 -2.71 -27.86
CA GLU H 56 -15.43 -4.09 -27.95
C GLU H 56 -13.92 -4.16 -28.09
N ILE H 57 -13.24 -4.61 -27.02
CA ILE H 57 -11.79 -4.69 -27.03
C ILE H 57 -11.29 -6.06 -26.59
N ALA H 58 -10.13 -6.45 -27.12
CA ALA H 58 -9.52 -7.71 -26.75
C ALA H 58 -8.43 -7.50 -25.70
N LYS H 59 -7.85 -6.30 -25.69
CA LYS H 59 -6.81 -5.95 -24.72
C LYS H 59 -6.86 -4.47 -24.34
N ILE H 60 -6.33 -4.12 -23.17
CA ILE H 60 -6.57 -2.79 -22.63
C ILE H 60 -5.82 -1.71 -23.41
N GLU H 61 -4.78 -2.10 -24.13
CA GLU H 61 -4.09 -1.15 -25.02
C GLU H 61 -5.01 -0.67 -26.12
N GLU H 62 -6.14 -1.33 -26.29
CA GLU H 62 -7.08 -0.98 -27.35
C GLU H 62 -8.17 -0.05 -26.84
N ALA H 63 -8.20 0.19 -25.53
CA ALA H 63 -9.21 1.07 -24.94
C ALA H 63 -8.93 2.51 -25.28
N PRO H 64 -9.94 3.22 -25.76
CA PRO H 64 -9.81 4.68 -25.94
C PRO H 64 -9.62 5.37 -24.60
N ASN H 65 -9.12 6.59 -24.63
CA ASN H 65 -8.86 7.34 -23.41
C ASN H 65 -10.11 7.51 -22.58
N ALA H 66 -11.27 7.67 -23.23
CA ALA H 66 -12.52 7.87 -22.50
C ALA H 66 -12.87 6.69 -21.56
N VAL H 67 -12.34 5.50 -21.81
CA VAL H 67 -12.50 4.42 -20.82
C VAL H 67 -11.22 4.19 -20.05
N LEU H 68 -10.07 4.39 -20.68
CA LEU H 68 -8.78 4.13 -20.03
C LEU H 68 -8.56 5.06 -18.84
N ILE H 69 -8.77 6.36 -19.04
CA ILE H 69 -8.55 7.34 -17.98
C ILE H 69 -9.46 7.08 -16.77
N PRO H 70 -10.78 6.93 -16.96
CA PRO H 70 -11.61 6.54 -15.79
C PRO H 70 -11.19 5.23 -15.10
N ALA H 71 -10.88 4.20 -15.88
CA ALA H 71 -10.45 2.93 -15.31
C ALA H 71 -9.18 3.11 -14.46
N PHE H 72 -8.26 3.92 -14.97
CA PHE H 72 -7.01 4.23 -14.29
C PHE H 72 -7.28 4.92 -12.96
N VAL H 73 -8.18 5.91 -12.98
CA VAL H 73 -8.53 6.66 -11.77
C VAL H 73 -9.21 5.75 -10.74
N LEU H 74 -10.15 4.93 -11.18
CA LEU H 74 -10.77 3.97 -10.29
C LEU H 74 -9.71 3.04 -9.72
N GLY H 75 -8.78 2.62 -10.57
CA GLY H 75 -7.68 1.77 -10.15
C GLY H 75 -6.83 2.41 -9.06
N GLU H 76 -6.51 3.69 -9.21
CA GLU H 76 -5.66 4.37 -8.22
C GLU H 76 -6.39 4.58 -6.90
N LEU H 77 -7.69 4.79 -6.94
CA LEU H 77 -8.42 5.03 -5.71
C LEU H 77 -8.56 3.71 -4.94
N GLU H 78 -8.80 2.62 -5.66
CA GLU H 78 -8.88 1.29 -5.05
C GLU H 78 -7.57 0.90 -4.35
N VAL H 79 -6.45 1.26 -4.95
CA VAL H 79 -5.17 0.98 -4.33
C VAL H 79 -4.91 1.96 -3.17
N ALA H 80 -5.28 3.22 -3.36
CA ALA H 80 -5.06 4.27 -2.38
C ALA H 80 -5.73 3.96 -1.04
N PHE H 81 -6.95 3.43 -1.11
CA PHE H 81 -7.75 3.18 0.07
C PHE H 81 -7.71 1.69 0.40
N LYS H 82 -6.47 1.17 0.41
CA LYS H 82 -6.17 -0.26 0.56
C LYS H 82 -6.60 -1.02 -0.68
#